data_7PDQ
#
_entry.id   7PDQ
#
_cell.length_a   68.430
_cell.length_b   68.430
_cell.length_c   105.615
_cell.angle_alpha   90.000
_cell.angle_beta   90.000
_cell.angle_gamma   90.000
#
_symmetry.space_group_name_H-M   'P 43 21 2'
#
loop_
_entity.id
_entity.type
_entity.pdbx_description
1 polymer 'Retinoic acid receptor RXR-alpha'
2 polymer 'Nuclear receptor coactivator 2'
3 non-polymer '6-[1-(3,5,5,8,8-PENTAMETHYL-5,6,7,8-TETRAHYDRONAPHTHALEN-2-YL)CYCLOPROPYL]PYRIDINE-3-CARBOXYLIC ACID'
4 water water
#
loop_
_entity_poly.entity_id
_entity_poly.type
_entity_poly.pdbx_seq_one_letter_code
_entity_poly.pdbx_strand_id
1 'polypeptide(L)'
;GPHMSTSSANEDMPVEKILEAELAVEPKTETYVEANMGLNPSSPNDPVTNICQAADKQLFTLVEWAKRIPHFSELPLDDQ
VILLRAGWNELLIASFSHESIAVKDGILLATGLHVHRNSAHSAGVGAIFDRVLTELVSKMRDMQMDKTELGCLRAIVLFN
PDSKGLSNPAEVEALREKVYASLEAYCKHKYPEQPGRFAKLLLRLPALRSIGLKQLEHLFFFKLIGDTPIDTFLMEMLEA
PHQAT
;
A
2 'polypeptide(L)' KHKILHRLLQDSS B
#
loop_
_chem_comp.id
_chem_comp.type
_chem_comp.name
_chem_comp.formula
LG2 non-polymer '6-[1-(3,5,5,8,8-PENTAMETHYL-5,6,7,8-TETRAHYDRONAPHTHALEN-2-YL)CYCLOPROPYL]PYRIDINE-3-CARBOXYLIC ACID' 'C24 H29 N O2'
#
# COMPACT_ATOMS: atom_id res chain seq x y z
N ASP A 12 8.74 -12.42 17.31
CA ASP A 12 7.93 -11.36 17.94
C ASP A 12 7.59 -10.21 16.98
N MET A 13 6.46 -9.54 17.15
CA MET A 13 5.96 -8.60 16.14
C MET A 13 5.19 -7.46 16.83
N PRO A 14 5.90 -6.55 17.50
CA PRO A 14 5.23 -5.51 18.31
C PRO A 14 4.60 -4.40 17.48
N VAL A 15 3.35 -4.06 17.80
CA VAL A 15 2.70 -3.00 17.02
C VAL A 15 3.46 -1.70 17.15
N GLU A 16 4.16 -1.50 18.27
CA GLU A 16 4.94 -0.28 18.45
C GLU A 16 5.95 -0.11 17.33
N LYS A 17 6.60 -1.19 16.92
CA LYS A 17 7.61 -1.12 15.85
C LYS A 17 6.92 -0.89 14.50
N ILE A 18 5.79 -1.53 14.29
CA ILE A 18 5.05 -1.28 13.06
C ILE A 18 4.65 0.19 12.95
N LEU A 19 4.15 0.77 14.04
CA LEU A 19 3.85 2.20 14.00
C LEU A 19 5.09 3.02 13.70
N GLU A 20 6.22 2.70 14.35
CA GLU A 20 7.44 3.44 14.08
C GLU A 20 7.76 3.47 12.60
N ALA A 21 7.64 2.32 11.93
CA ALA A 21 7.89 2.24 10.50
C ALA A 21 6.99 3.21 9.72
N GLU A 22 5.72 3.32 10.12
CA GLU A 22 4.78 4.20 9.44
C GLU A 22 5.15 5.65 9.59
N LEU A 23 5.63 6.01 10.77
CA LEU A 23 5.84 7.41 11.11
C LEU A 23 7.25 7.86 10.75
N ALA A 24 8.03 7.00 10.12
CA ALA A 24 9.31 7.46 9.55
C ALA A 24 9.00 8.53 8.50
N ASP A 46 -1.19 17.25 -16.18
CA ASP A 46 -2.40 16.51 -15.94
C ASP A 46 -2.35 15.83 -14.57
N PRO A 47 -3.52 15.56 -14.03
CA PRO A 47 -3.59 14.88 -12.75
C PRO A 47 -2.86 13.54 -12.77
N VAL A 48 -2.92 12.82 -13.88
CA VAL A 48 -2.33 11.49 -13.87
C VAL A 48 -0.80 11.61 -13.80
N THR A 49 -0.23 12.64 -14.43
CA THR A 49 1.21 12.86 -14.28
C THR A 49 1.58 13.19 -12.83
N ASN A 50 0.81 14.07 -12.18
CA ASN A 50 1.02 14.37 -10.76
C ASN A 50 0.97 13.10 -9.91
N ILE A 51 -0.03 12.25 -10.17
CA ILE A 51 -0.20 11.04 -9.38
C ILE A 51 0.96 10.10 -9.60
N CYS A 52 1.39 9.91 -10.86
CA CYS A 52 2.51 9.03 -11.12
C CYS A 52 3.81 9.56 -10.53
N GLN A 53 3.94 10.89 -10.48
CA GLN A 53 5.14 11.55 -9.89
C GLN A 53 5.18 11.22 -8.39
N ALA A 54 4.03 11.35 -7.71
CA ALA A 54 3.93 11.04 -6.31
C ALA A 54 4.19 9.57 -6.02
N ALA A 55 3.70 8.67 -6.88
CA ALA A 55 3.93 7.25 -6.68
C ALA A 55 5.42 6.92 -6.77
N ASP A 56 6.13 7.50 -7.74
CA ASP A 56 7.56 7.20 -7.85
C ASP A 56 8.29 7.67 -6.60
N LYS A 57 7.98 8.90 -6.14
CA LYS A 57 8.58 9.40 -4.91
C LYS A 57 8.32 8.43 -3.76
N GLN A 58 7.06 7.95 -3.61
CA GLN A 58 6.73 7.12 -2.46
C GLN A 58 7.32 5.72 -2.52
N LEU A 59 7.71 5.24 -3.71
CA LEU A 59 8.36 3.93 -3.76
C LEU A 59 9.66 3.93 -2.98
N PHE A 60 10.40 5.05 -2.97
CA PHE A 60 11.63 5.09 -2.17
C PHE A 60 11.31 5.02 -0.68
N THR A 61 10.24 5.73 -0.25
CA THR A 61 9.79 5.68 1.13
C THR A 61 9.28 4.29 1.49
N LEU A 62 8.64 3.58 0.54
CA LEU A 62 8.13 2.25 0.83
C LEU A 62 9.25 1.26 1.17
N VAL A 63 10.37 1.32 0.43
CA VAL A 63 11.49 0.43 0.75
C VAL A 63 11.99 0.70 2.16
N GLU A 64 12.11 1.97 2.54
CA GLU A 64 12.57 2.30 3.88
C GLU A 64 11.57 1.81 4.92
N TRP A 65 10.27 1.88 4.60
CA TRP A 65 9.23 1.38 5.51
C TRP A 65 9.37 -0.13 5.71
N ALA A 66 9.50 -0.88 4.61
CA ALA A 66 9.54 -2.33 4.71
C ALA A 66 10.74 -2.78 5.53
N LYS A 67 11.89 -2.11 5.37
CA LYS A 67 13.07 -2.48 6.15
C LYS A 67 12.85 -2.32 7.65
N ARG A 68 11.93 -1.45 8.04
CA ARG A 68 11.64 -1.22 9.44
C ARG A 68 10.56 -2.12 10.01
N ILE A 69 9.89 -2.91 9.17
CA ILE A 69 8.93 -3.91 9.65
C ILE A 69 9.71 -5.07 10.25
N PRO A 70 9.44 -5.44 11.50
CA PRO A 70 10.23 -6.51 12.13
C PRO A 70 10.34 -7.75 11.26
N HIS A 71 11.59 -8.21 11.09
CA HIS A 71 11.98 -9.45 10.46
C HIS A 71 11.97 -9.40 8.94
N PHE A 72 11.48 -8.31 8.32
CA PHE A 72 11.48 -8.28 6.86
C PHE A 72 12.90 -8.32 6.31
N SER A 73 13.81 -7.55 6.90
CA SER A 73 15.19 -7.45 6.42
C SER A 73 15.99 -8.73 6.64
N GLU A 74 15.49 -9.64 7.45
CA GLU A 74 16.13 -10.93 7.68
C GLU A 74 15.70 -12.00 6.67
N LEU A 75 14.64 -11.73 5.89
CA LEU A 75 14.33 -12.62 4.78
C LEU A 75 15.42 -12.58 3.74
N PRO A 76 15.55 -13.64 2.95
CA PRO A 76 16.50 -13.62 1.83
C PRO A 76 16.21 -12.41 0.93
N LEU A 77 17.29 -11.76 0.45
CA LEU A 77 17.11 -10.58 -0.42
C LEU A 77 16.15 -10.86 -1.57
N ASP A 78 16.29 -12.02 -2.23
CA ASP A 78 15.39 -12.32 -3.35
C ASP A 78 13.92 -12.35 -2.93
N ASP A 79 13.65 -12.78 -1.69
CA ASP A 79 12.26 -12.83 -1.19
C ASP A 79 11.77 -11.44 -0.82
N GLN A 80 12.64 -10.59 -0.26
CA GLN A 80 12.24 -9.18 -0.04
C GLN A 80 11.84 -8.53 -1.36
N VAL A 81 12.62 -8.80 -2.43
CA VAL A 81 12.29 -8.26 -3.74
C VAL A 81 10.94 -8.78 -4.21
N ILE A 82 10.71 -10.10 -4.11
CA ILE A 82 9.43 -10.70 -4.51
C ILE A 82 8.26 -10.05 -3.76
N LEU A 83 8.38 -9.89 -2.43
CA LEU A 83 7.24 -9.37 -1.68
C LEU A 83 6.95 -7.93 -2.04
N LEU A 84 8.01 -7.11 -2.20
CA LEU A 84 7.70 -5.72 -2.59
C LEU A 84 7.19 -5.62 -4.03
N ARG A 85 7.73 -6.43 -4.96
CA ARG A 85 7.19 -6.38 -6.32
C ARG A 85 5.74 -6.88 -6.36
N ALA A 86 5.36 -7.77 -5.45
CA ALA A 86 3.99 -8.28 -5.45
C ALA A 86 3.02 -7.31 -4.81
N GLY A 87 3.47 -6.53 -3.82
CA GLY A 87 2.54 -5.75 -3.03
C GLY A 87 2.65 -4.26 -3.18
N TRP A 88 3.61 -3.74 -3.94
CA TRP A 88 3.91 -2.32 -3.85
C TRP A 88 2.66 -1.45 -4.07
N ASN A 89 1.85 -1.75 -5.09
CA ASN A 89 0.78 -0.80 -5.38
C ASN A 89 -0.33 -0.88 -4.34
N GLU A 90 -0.61 -2.06 -3.82
CA GLU A 90 -1.59 -2.11 -2.71
C GLU A 90 -1.05 -1.39 -1.47
N LEU A 91 0.24 -1.54 -1.21
CA LEU A 91 0.86 -0.85 -0.08
C LEU A 91 0.77 0.67 -0.24
N LEU A 92 1.00 1.16 -1.45
CA LEU A 92 0.93 2.59 -1.70
C LEU A 92 -0.50 3.07 -1.61
N ILE A 93 -1.45 2.31 -2.18
CA ILE A 93 -2.85 2.72 -2.16
C ILE A 93 -3.37 2.79 -0.74
N ALA A 94 -3.05 1.79 0.09
CA ALA A 94 -3.51 1.82 1.48
C ALA A 94 -3.01 3.09 2.19
N SER A 95 -1.77 3.47 1.94
CA SER A 95 -1.19 4.61 2.64
C SER A 95 -1.84 5.92 2.21
N PHE A 96 -1.89 6.21 0.92
CA PHE A 96 -2.46 7.50 0.53
C PHE A 96 -3.95 7.57 0.90
N SER A 97 -4.60 6.42 0.82
CA SER A 97 -6.03 6.41 1.15
C SER A 97 -6.24 6.86 2.60
N HIS A 98 -5.44 6.30 3.52
CA HIS A 98 -5.55 6.67 4.92
C HIS A 98 -5.20 8.16 5.11
N GLU A 99 -4.16 8.63 4.39
CA GLU A 99 -3.79 10.04 4.47
C GLU A 99 -4.86 10.96 3.90
N SER A 100 -5.89 10.41 3.23
CA SER A 100 -6.88 11.21 2.53
C SER A 100 -8.16 11.37 3.32
N ILE A 101 -8.19 10.85 4.56
CA ILE A 101 -9.43 10.87 5.31
C ILE A 101 -9.96 12.29 5.50
N ALA A 102 -9.09 13.25 5.63
CA ALA A 102 -9.54 14.63 5.86
C ALA A 102 -9.74 15.43 4.57
N VAL A 103 -9.63 14.81 3.40
CA VAL A 103 -9.84 15.46 2.11
C VAL A 103 -11.28 15.23 1.69
N LYS A 104 -11.95 16.28 1.25
CA LYS A 104 -13.32 16.17 0.74
C LYS A 104 -13.30 15.74 -0.74
N ASP A 105 -13.86 14.56 -1.01
CA ASP A 105 -14.06 14.04 -2.39
C ASP A 105 -12.77 14.03 -3.19
N GLY A 106 -11.67 13.63 -2.56
CA GLY A 106 -10.38 13.58 -3.24
C GLY A 106 -9.34 12.83 -2.44
N ILE A 107 -8.11 12.90 -2.93
CA ILE A 107 -6.97 12.28 -2.24
C ILE A 107 -5.85 13.27 -2.04
N LEU A 108 -5.03 12.98 -1.03
CA LEU A 108 -3.81 13.71 -0.75
C LEU A 108 -2.65 12.90 -1.30
N LEU A 109 -1.83 13.55 -2.14
CA LEU A 109 -0.66 12.88 -2.70
C LEU A 109 0.58 13.06 -1.82
N ALA A 110 1.59 12.20 -2.05
CA ALA A 110 2.85 12.26 -1.31
C ALA A 110 3.54 13.58 -1.52
N THR A 111 3.31 14.21 -2.68
CA THR A 111 3.88 15.53 -3.00
C THR A 111 3.18 16.67 -2.29
N GLY A 112 2.12 16.38 -1.54
CA GLY A 112 1.39 17.39 -0.80
C GLY A 112 0.18 17.98 -1.53
N LEU A 113 0.00 17.69 -2.82
CA LEU A 113 -1.10 18.24 -3.58
C LEU A 113 -2.36 17.41 -3.34
N HIS A 114 -3.52 18.00 -3.57
CA HIS A 114 -4.75 17.22 -3.57
C HIS A 114 -5.12 16.92 -5.00
N VAL A 115 -5.77 15.77 -5.21
CA VAL A 115 -6.46 15.52 -6.49
C VAL A 115 -7.93 15.36 -6.16
N HIS A 116 -8.78 16.26 -6.69
CA HIS A 116 -10.21 16.13 -6.51
C HIS A 116 -10.79 15.11 -7.50
N ARG A 117 -11.86 14.45 -7.12
CA ARG A 117 -12.48 13.51 -8.05
C ARG A 117 -12.91 14.18 -9.36
N ASN A 118 -13.30 15.47 -9.34
CA ASN A 118 -13.62 16.12 -10.62
C ASN A 118 -12.42 16.08 -11.56
N SER A 119 -11.22 16.31 -11.03
CA SER A 119 -10.03 16.30 -11.87
CA SER A 119 -10.00 16.29 -11.84
C SER A 119 -9.69 14.89 -12.35
N ALA A 120 -9.84 13.88 -11.47
CA ALA A 120 -9.64 12.50 -11.88
C ALA A 120 -10.61 12.13 -13.00
N HIS A 121 -11.87 12.54 -12.86
CA HIS A 121 -12.84 12.23 -13.90
CA HIS A 121 -12.86 12.25 -13.89
C HIS A 121 -12.47 12.91 -15.21
N SER A 122 -12.01 14.16 -15.12
CA SER A 122 -11.63 14.91 -16.32
C SER A 122 -10.37 14.38 -16.96
N ALA A 123 -9.66 13.47 -16.29
CA ALA A 123 -8.46 12.85 -16.86
C ALA A 123 -8.74 11.47 -17.40
N GLY A 124 -9.98 10.98 -17.28
CA GLY A 124 -10.31 9.67 -17.80
C GLY A 124 -10.16 8.52 -16.83
N VAL A 125 -9.97 8.78 -15.54
CA VAL A 125 -9.75 7.71 -14.54
C VAL A 125 -10.77 7.87 -13.41
N GLY A 126 -11.93 8.43 -13.73
CA GLY A 126 -12.92 8.68 -12.68
C GLY A 126 -13.44 7.42 -11.99
N ALA A 127 -13.70 6.33 -12.73
CA ALA A 127 -14.28 5.16 -12.08
C ALA A 127 -13.37 4.54 -11.02
N ILE A 128 -12.08 4.33 -11.35
CA ILE A 128 -11.17 3.69 -10.39
C ILE A 128 -10.92 4.64 -9.24
N PHE A 129 -10.88 5.95 -9.52
CA PHE A 129 -10.70 6.94 -8.45
C PHE A 129 -11.86 6.94 -7.47
N ASP A 130 -13.07 6.83 -7.98
CA ASP A 130 -14.24 6.79 -7.11
C ASP A 130 -14.24 5.51 -6.26
N ARG A 131 -13.75 4.38 -6.81
CA ARG A 131 -13.65 3.17 -6.00
C ARG A 131 -12.74 3.39 -4.80
N VAL A 132 -11.59 4.05 -5.02
CA VAL A 132 -10.70 4.38 -3.91
C VAL A 132 -11.44 5.21 -2.86
N LEU A 133 -12.20 6.21 -3.30
CA LEU A 133 -12.92 7.06 -2.33
C LEU A 133 -13.98 6.30 -1.56
N THR A 134 -14.73 5.43 -2.25
CA THR A 134 -15.90 4.79 -1.68
C THR A 134 -15.52 3.57 -0.86
N GLU A 135 -14.66 2.72 -1.41
CA GLU A 135 -14.36 1.45 -0.75
C GLU A 135 -13.22 1.56 0.26
N LEU A 136 -12.33 2.55 0.11
CA LEU A 136 -11.20 2.65 1.01
C LEU A 136 -11.26 3.92 1.85
N VAL A 137 -11.11 5.11 1.25
CA VAL A 137 -10.99 6.32 2.07
C VAL A 137 -12.21 6.49 2.96
N SER A 138 -13.40 6.37 2.40
CA SER A 138 -14.58 6.69 3.21
CA SER A 138 -14.60 6.67 3.19
C SER A 138 -14.79 5.64 4.29
N LYS A 139 -14.36 4.42 4.04
CA LYS A 139 -14.50 3.39 5.09
C LYS A 139 -13.44 3.59 6.17
N MET A 140 -12.24 3.97 5.76
CA MET A 140 -11.26 4.25 6.80
C MET A 140 -11.69 5.43 7.65
N ARG A 141 -12.31 6.43 7.01
CA ARG A 141 -12.79 7.59 7.73
C ARG A 141 -13.90 7.20 8.71
N ASP A 142 -14.87 6.43 8.23
CA ASP A 142 -16.07 6.13 9.03
C ASP A 142 -15.72 5.30 10.28
N MET A 143 -14.81 4.34 10.15
CA MET A 143 -14.36 3.60 11.34
C MET A 143 -13.19 4.26 12.07
N GLN A 144 -12.70 5.41 11.62
CA GLN A 144 -11.57 6.08 12.24
C GLN A 144 -10.40 5.12 12.37
N MET A 145 -10.08 4.44 11.26
CA MET A 145 -8.91 3.57 11.28
C MET A 145 -7.69 4.36 11.72
N ASP A 146 -6.93 3.81 12.68
CA ASP A 146 -5.76 4.55 13.20
C ASP A 146 -4.47 4.09 12.53
N LYS A 147 -3.36 4.80 12.83
CA LYS A 147 -2.14 4.53 12.07
C LYS A 147 -1.52 3.18 12.43
N THR A 148 -1.72 2.70 13.65
CA THR A 148 -1.24 1.38 14.02
C THR A 148 -1.99 0.31 13.22
N GLU A 149 -3.31 0.47 13.10
CA GLU A 149 -4.09 -0.49 12.31
C GLU A 149 -3.70 -0.45 10.85
N LEU A 150 -3.52 0.74 10.31
CA LEU A 150 -3.06 0.88 8.93
C LEU A 150 -1.71 0.19 8.74
N GLY A 151 -0.75 0.48 9.62
CA GLY A 151 0.54 -0.18 9.51
C GLY A 151 0.45 -1.70 9.55
N CYS A 152 -0.40 -2.23 10.42
CA CYS A 152 -0.50 -3.69 10.51
C CYS A 152 -1.14 -4.27 9.26
N LEU A 153 -2.20 -3.61 8.74
CA LEU A 153 -2.76 -4.08 7.48
C LEU A 153 -1.71 -4.05 6.36
N ARG A 154 -0.90 -2.98 6.38
CA ARG A 154 0.19 -2.80 5.40
C ARG A 154 1.19 -3.95 5.55
N ALA A 155 1.53 -4.34 6.78
CA ALA A 155 2.47 -5.44 6.99
C ALA A 155 1.87 -6.79 6.61
N ILE A 156 0.56 -6.98 6.81
CA ILE A 156 -0.08 -8.20 6.36
C ILE A 156 0.01 -8.30 4.83
N VAL A 157 -0.25 -7.17 4.12
CA VAL A 157 -0.14 -7.18 2.67
C VAL A 157 1.29 -7.51 2.25
N LEU A 158 2.27 -6.87 2.92
CA LEU A 158 3.68 -7.09 2.60
C LEU A 158 4.02 -8.56 2.69
N PHE A 159 3.66 -9.19 3.82
CA PHE A 159 4.00 -10.60 4.06
C PHE A 159 2.94 -11.47 3.38
N ASN A 160 2.96 -11.46 2.05
CA ASN A 160 1.98 -12.15 1.23
C ASN A 160 2.53 -13.51 0.84
N PRO A 161 2.10 -14.60 1.48
CA PRO A 161 2.73 -15.90 1.23
C PRO A 161 2.30 -16.53 -0.08
N ASP A 162 1.34 -15.93 -0.79
CA ASP A 162 0.97 -16.38 -2.13
C ASP A 162 1.86 -15.83 -3.22
N SER A 163 2.83 -14.96 -2.88
CA SER A 163 3.64 -14.35 -3.92
C SER A 163 4.45 -15.40 -4.63
N LYS A 164 4.45 -15.36 -5.96
CA LYS A 164 5.16 -16.46 -6.65
C LYS A 164 6.67 -16.36 -6.55
N GLY A 165 7.28 -17.53 -6.35
CA GLY A 165 8.72 -17.63 -6.41
C GLY A 165 9.39 -17.60 -5.06
N LEU A 166 8.64 -17.37 -3.98
CA LEU A 166 9.25 -17.28 -2.65
C LEU A 166 10.03 -18.53 -2.34
N SER A 167 11.18 -18.32 -1.72
CA SER A 167 11.99 -19.49 -1.39
C SER A 167 11.36 -20.32 -0.26
N ASN A 168 10.58 -19.70 0.60
CA ASN A 168 9.99 -20.36 1.76
C ASN A 168 8.68 -19.68 2.09
N PRO A 169 7.62 -20.04 1.39
CA PRO A 169 6.32 -19.43 1.69
C PRO A 169 5.93 -19.55 3.15
N ALA A 170 6.27 -20.67 3.80
CA ALA A 170 5.82 -20.87 5.19
C ALA A 170 6.40 -19.82 6.13
N GLU A 171 7.64 -19.40 5.88
CA GLU A 171 8.28 -18.36 6.68
C GLU A 171 7.51 -17.04 6.58
N VAL A 172 7.14 -16.67 5.35
CA VAL A 172 6.35 -15.45 5.15
C VAL A 172 4.96 -15.62 5.78
N GLU A 173 4.36 -16.81 5.64
CA GLU A 173 3.06 -17.03 6.28
C GLU A 173 3.16 -16.84 7.78
N ALA A 174 4.24 -17.34 8.39
CA ALA A 174 4.40 -17.21 9.82
C ALA A 174 4.54 -15.74 10.24
N LEU A 175 5.22 -14.93 9.44
CA LEU A 175 5.31 -13.52 9.79
C LEU A 175 3.96 -12.85 9.64
N ARG A 176 3.21 -13.17 8.58
CA ARG A 176 1.85 -12.64 8.46
C ARG A 176 1.00 -12.96 9.69
N GLU A 177 1.05 -14.23 10.13
CA GLU A 177 0.31 -14.66 11.31
C GLU A 177 0.71 -13.86 12.55
N LYS A 178 2.01 -13.60 12.73
CA LYS A 178 2.42 -12.78 13.88
C LYS A 178 1.83 -11.38 13.82
N VAL A 179 1.76 -10.80 12.60
CA VAL A 179 1.17 -9.47 12.49
C VAL A 179 -0.29 -9.51 12.86
N TYR A 180 -1.03 -10.47 12.33
CA TYR A 180 -2.46 -10.34 12.60
C TYR A 180 -2.80 -10.77 14.03
N ALA A 181 -1.98 -11.61 14.68
CA ALA A 181 -2.11 -11.79 16.13
C ALA A 181 -1.90 -10.49 16.88
N SER A 182 -0.85 -9.75 16.55
CA SER A 182 -0.59 -8.49 17.23
C SER A 182 -1.68 -7.46 16.97
N LEU A 183 -2.18 -7.41 15.73
CA LEU A 183 -3.24 -6.47 15.40
C LEU A 183 -4.51 -6.79 16.20
N GLU A 184 -4.91 -8.07 16.22
CA GLU A 184 -6.12 -8.41 16.95
C GLU A 184 -6.01 -8.02 18.42
N ALA A 185 -4.85 -8.30 19.03
CA ALA A 185 -4.67 -7.94 20.44
C ALA A 185 -4.74 -6.44 20.66
N TYR A 186 -4.13 -5.67 19.76
CA TYR A 186 -4.22 -4.21 19.82
C TYR A 186 -5.67 -3.73 19.72
N CYS A 187 -6.44 -4.27 18.77
CA CYS A 187 -7.80 -3.78 18.58
C CYS A 187 -8.66 -4.07 19.81
N LYS A 188 -8.53 -5.28 20.37
CA LYS A 188 -9.33 -5.68 21.52
C LYS A 188 -8.99 -4.82 22.73
N HIS A 189 -7.74 -4.38 22.84
CA HIS A 189 -7.39 -3.54 23.98
C HIS A 189 -7.87 -2.12 23.79
N LYS A 190 -7.65 -1.56 22.59
CA LYS A 190 -7.92 -0.14 22.32
C LYS A 190 -9.40 0.12 22.06
N TYR A 191 -10.11 -0.84 21.47
CA TYR A 191 -11.50 -0.66 21.06
C TYR A 191 -12.31 -1.82 21.59
N PRO A 192 -12.37 -1.98 22.92
CA PRO A 192 -13.06 -3.14 23.50
C PRO A 192 -14.53 -3.19 23.19
N GLU A 193 -15.14 -2.04 22.90
CA GLU A 193 -16.56 -1.95 22.62
C GLU A 193 -16.87 -2.33 21.17
N GLN A 194 -15.82 -2.60 20.34
CA GLN A 194 -16.01 -3.01 18.94
C GLN A 194 -15.41 -4.40 18.71
N PRO A 195 -16.07 -5.47 19.15
CA PRO A 195 -15.51 -6.80 18.94
C PRO A 195 -15.24 -7.14 17.48
N GLY A 196 -16.01 -6.57 16.54
CA GLY A 196 -15.85 -6.89 15.13
C GLY A 196 -14.78 -6.09 14.42
N ARG A 197 -14.07 -5.22 15.13
CA ARG A 197 -13.20 -4.26 14.46
C ARG A 197 -12.06 -4.96 13.74
N PHE A 198 -11.48 -5.99 14.35
CA PHE A 198 -10.37 -6.69 13.68
C PHE A 198 -10.80 -7.30 12.36
N ALA A 199 -11.91 -8.03 12.35
CA ALA A 199 -12.43 -8.59 11.10
C ALA A 199 -12.74 -7.48 10.11
N LYS A 200 -13.29 -6.37 10.60
CA LYS A 200 -13.63 -5.26 9.69
C LYS A 200 -12.36 -4.74 9.00
N LEU A 201 -11.27 -4.60 9.75
CA LEU A 201 -10.02 -4.19 9.09
C LEU A 201 -9.61 -5.19 8.01
N LEU A 202 -9.61 -6.49 8.34
CA LEU A 202 -9.16 -7.49 7.36
C LEU A 202 -10.05 -7.49 6.12
N LEU A 203 -11.33 -7.18 6.30
CA LEU A 203 -12.27 -7.28 5.18
C LEU A 203 -12.23 -6.06 4.27
N ARG A 204 -11.29 -5.12 4.50
CA ARG A 204 -10.94 -4.14 3.47
C ARG A 204 -9.89 -4.70 2.50
N LEU A 205 -9.29 -5.87 2.80
CA LEU A 205 -8.20 -6.33 1.94
C LEU A 205 -8.71 -6.85 0.59
N PRO A 206 -9.89 -7.45 0.45
CA PRO A 206 -10.35 -7.81 -0.91
C PRO A 206 -10.58 -6.58 -1.77
N ALA A 207 -11.18 -5.54 -1.21
CA ALA A 207 -11.33 -4.30 -1.98
C ALA A 207 -9.96 -3.76 -2.39
N LEU A 208 -9.01 -3.70 -1.47
CA LEU A 208 -7.66 -3.24 -1.82
C LEU A 208 -7.06 -4.07 -2.94
N ARG A 209 -7.30 -5.38 -2.89
CA ARG A 209 -6.80 -6.32 -3.93
C ARG A 209 -7.36 -5.93 -5.29
N SER A 210 -8.68 -5.72 -5.39
CA SER A 210 -9.37 -5.45 -6.64
CA SER A 210 -9.30 -5.48 -6.68
C SER A 210 -8.98 -4.08 -7.17
N ILE A 211 -8.93 -3.09 -6.25
CA ILE A 211 -8.57 -1.72 -6.66
C ILE A 211 -7.14 -1.69 -7.18
N GLY A 212 -6.24 -2.38 -6.50
CA GLY A 212 -4.88 -2.45 -6.97
C GLY A 212 -4.77 -3.06 -8.36
N LEU A 213 -5.49 -4.15 -8.60
CA LEU A 213 -5.43 -4.79 -9.91
C LEU A 213 -5.89 -3.82 -11.00
N LYS A 214 -7.00 -3.12 -10.78
CA LYS A 214 -7.48 -2.21 -11.80
C LYS A 214 -6.55 -1.01 -11.96
N GLN A 215 -6.04 -0.45 -10.86
CA GLN A 215 -5.07 0.64 -10.96
C GLN A 215 -3.87 0.22 -11.78
N LEU A 216 -3.36 -0.99 -11.54
CA LEU A 216 -2.20 -1.46 -12.27
C LEU A 216 -2.52 -1.59 -13.76
N GLU A 217 -3.73 -2.08 -14.10
CA GLU A 217 -4.10 -2.19 -15.49
C GLU A 217 -4.06 -0.82 -16.17
N HIS A 218 -4.60 0.23 -15.51
CA HIS A 218 -4.51 1.57 -16.08
C HIS A 218 -3.07 1.99 -16.29
N LEU A 219 -2.21 1.76 -15.28
CA LEU A 219 -0.83 2.19 -15.38
C LEU A 219 -0.10 1.48 -16.53
N PHE A 220 -0.35 0.17 -16.69
CA PHE A 220 0.26 -0.50 -17.85
C PHE A 220 -0.19 0.12 -19.16
N PHE A 221 -1.47 0.53 -19.27
CA PHE A 221 -1.91 1.22 -20.47
C PHE A 221 -1.21 2.56 -20.64
N PHE A 222 -1.05 3.34 -19.56
CA PHE A 222 -0.35 4.62 -19.72
C PHE A 222 1.04 4.41 -20.26
N LYS A 223 1.72 3.38 -19.76
CA LYS A 223 3.06 3.09 -20.26
C LYS A 223 3.02 2.69 -21.73
N LEU A 224 2.06 1.87 -22.11
CA LEU A 224 2.01 1.41 -23.52
C LEU A 224 1.79 2.60 -24.45
N ILE A 225 0.84 3.46 -24.14
CA ILE A 225 0.55 4.59 -25.07
C ILE A 225 1.66 5.63 -25.03
N GLY A 226 2.37 5.75 -23.92
CA GLY A 226 3.57 6.60 -23.82
C GLY A 226 3.33 8.08 -23.66
N ASP A 227 2.14 8.47 -23.32
CA ASP A 227 1.88 9.92 -23.25
C ASP A 227 1.92 10.43 -21.81
N THR A 228 2.35 9.59 -20.86
CA THR A 228 2.39 9.97 -19.46
C THR A 228 3.81 9.71 -18.97
N PRO A 229 4.54 10.71 -18.49
CA PRO A 229 5.90 10.46 -17.97
C PRO A 229 5.82 9.51 -16.78
N ILE A 230 6.67 8.48 -16.84
CA ILE A 230 6.77 7.51 -15.71
C ILE A 230 8.23 7.48 -15.29
N ASP A 231 8.51 7.86 -14.05
CA ASP A 231 9.90 7.94 -13.52
C ASP A 231 10.52 6.55 -13.28
N THR A 232 11.78 6.56 -12.87
CA THR A 232 12.52 5.31 -13.04
C THR A 232 12.02 4.18 -12.14
N PHE A 233 11.66 4.47 -10.92
CA PHE A 233 11.32 3.38 -9.98
C PHE A 233 9.93 2.83 -10.33
N LEU A 234 9.02 3.75 -10.54
CA LEU A 234 7.68 3.32 -10.97
C LEU A 234 7.77 2.51 -12.27
N MET A 235 8.58 2.97 -13.23
CA MET A 235 8.80 2.19 -14.46
C MET A 235 9.33 0.80 -14.16
N GLU A 236 10.31 0.71 -13.25
CA GLU A 236 10.91 -0.59 -12.98
C GLU A 236 9.88 -1.53 -12.41
N MET A 237 8.91 -0.99 -11.68
CA MET A 237 7.88 -1.87 -11.08
C MET A 237 6.97 -2.44 -12.20
N LEU A 238 7.00 -1.84 -13.38
CA LEU A 238 6.22 -2.32 -14.52
C LEU A 238 7.02 -3.23 -15.47
N GLU A 239 8.27 -3.57 -15.14
CA GLU A 239 9.01 -4.62 -15.82
C GLU A 239 8.47 -6.01 -15.45
N ALA A 240 8.70 -6.97 -16.34
CA ALA A 240 8.46 -8.39 -16.06
C ALA A 240 9.29 -8.93 -14.89
N LYS B 1 17.03 -6.36 -14.33
CA LYS B 1 16.13 -7.19 -13.48
C LYS B 1 16.00 -6.55 -12.10
N HIS B 2 15.07 -5.61 -11.95
CA HIS B 2 14.84 -4.91 -10.65
C HIS B 2 16.17 -4.37 -10.12
N LYS B 3 16.80 -3.45 -10.87
CA LYS B 3 18.07 -2.87 -10.46
C LYS B 3 17.92 -1.93 -9.24
N ILE B 4 16.99 -0.99 -9.30
CA ILE B 4 16.89 0.05 -8.27
C ILE B 4 16.45 -0.59 -6.97
N LEU B 5 15.46 -1.49 -7.05
CA LEU B 5 14.97 -2.12 -5.82
C LEU B 5 16.05 -2.92 -5.13
N HIS B 6 16.80 -3.73 -5.88
CA HIS B 6 17.92 -4.45 -5.26
C HIS B 6 18.90 -3.48 -4.61
N ARG B 7 19.23 -2.41 -5.34
CA ARG B 7 20.22 -1.40 -4.89
C ARG B 7 19.78 -0.77 -3.57
N LEU B 8 18.47 -0.55 -3.39
CA LEU B 8 17.95 0.07 -2.17
C LEU B 8 17.80 -0.93 -1.03
N LEU B 9 17.49 -2.18 -1.32
CA LEU B 9 17.30 -3.14 -0.24
C LEU B 9 18.63 -3.59 0.31
N GLN B 10 19.65 -3.66 -0.53
CA GLN B 10 20.85 -4.32 -0.04
C GLN B 10 21.61 -3.40 0.89
N ASP B 11 21.50 -2.10 0.70
CA ASP B 11 22.33 -1.18 1.46
C ASP B 11 21.72 -0.92 2.83
N SER B 12 22.56 -0.97 3.86
CA SER B 12 22.16 -0.67 5.24
C SER B 12 22.74 0.67 5.68
C1 LG2 C . -3.84 5.54 -8.94
C2 LG2 C . -2.89 5.21 -7.95
C3 LG2 C . -1.52 5.14 -8.28
C4 LG2 C . -1.11 5.32 -9.60
C5 LG2 C . -2.07 5.62 -10.57
C6 LG2 C . -3.40 5.75 -10.26
C7 LG2 C . -4.40 6.07 -11.39
C8 LG2 C . -5.78 6.44 -10.84
C9 LG2 C . -6.33 5.69 -9.67
C10 LG2 C . -5.33 5.65 -8.52
C11 LG2 C . -0.55 4.74 -7.17
C12 LG2 C . -0.21 5.90 -6.26
N13 LG2 C . -0.69 7.17 -6.37
C14 LG2 C . -0.31 8.12 -5.46
C15 LG2 C . 0.59 7.78 -4.42
C16 LG2 C . 1.11 6.50 -4.36
C17 LG2 C . 0.69 5.57 -5.27
C18 LG2 C . 0.98 8.79 -3.35
O19 LG2 C . 1.46 8.33 -2.26
O20 LG2 C . 0.66 10.00 -3.46
C21 LG2 C . 0.31 3.52 -7.36
C22 LG2 C . -0.75 3.46 -6.32
C23 LG2 C . -4.41 4.88 -12.38
C24 LG2 C . -3.90 7.29 -12.17
C25 LG2 C . -5.80 4.48 -7.68
C26 LG2 C . -5.44 6.90 -7.61
C27 LG2 C . 0.38 5.28 -9.98
HC2 LG2 C . -3.17 5.02 -7.08
HC5 LG2 C . -1.79 5.73 -11.46
HC81 LG2 C . -5.75 7.37 -10.60
HC82 LG2 C . -6.41 6.32 -11.58
HC91 LG2 C . -6.52 4.78 -9.95
HC92 LG2 C . -7.12 6.15 -9.37
HC41 LG2 C . -0.63 8.99 -5.52
HC61 LG2 C . 1.74 6.27 -3.71
HC71 LG2 C . 1.02 4.70 -5.22
H211 LG2 C . 1.21 3.59 -7.03
H212 LG2 C . 0.12 3.01 -8.16
H221 LG2 C . -1.53 2.94 -6.54
H222 LG2 C . -0.45 3.51 -5.40
H231 LG2 C . -4.51 4.05 -11.90
H232 LG2 C . -3.58 4.87 -12.88
H233 LG2 C . -5.16 4.99 -13.00
H241 LG2 C . -4.49 7.47 -12.92
H242 LG2 C . -3.87 8.07 -11.59
H243 LG2 C . -3.00 7.11 -12.49
H251 LG2 C . -5.74 3.66 -8.19
H252 LG2 C . -5.25 4.42 -6.88
H253 LG2 C . -6.73 4.62 -7.41
H261 LG2 C . -6.33 7.28 -7.68
H262 LG2 C . -4.78 7.55 -7.86
H263 LG2 C . -5.28 6.63 -6.68
H271 LG2 C . 0.91 5.47 -9.19
H272 LG2 C . 0.55 5.94 -10.66
H273 LG2 C . 0.60 4.39 -10.32
#